data_6J7L
#
_entry.id   6J7L
#
_cell.length_a   45.322
_cell.length_b   92.002
_cell.length_c   119.138
_cell.angle_alpha   90.000
_cell.angle_beta   90.000
_cell.angle_gamma   90.000
#
_symmetry.space_group_name_H-M   'P 21 21 21'
#
loop_
_entity.id
_entity.type
_entity.pdbx_description
1 polymer 'Pseudomonas aeruginosa Earp'
2 non-polymer "THYMIDINE-5'-DIPHOSPHATE"
3 non-polymer '2-(N-MORPHOLINO)-ETHANESULFONIC ACID'
4 water water
#
_entity_poly.entity_id   1
_entity_poly.type   'polypeptide(L)'
_entity_poly.pdbx_seq_one_letter_code
;GSSHHHHHHSSGENLYFQHMASWDIFCSVVDNYGDIGVTWRLARQLAAEHGQAVRLWVDEPQAFARICPRADPVAHVQCL
DGVEVRAWGRPWAPVAAADVVIEAFACELPEAHRQAMRERKRPSLWLNLEYLSAEEWIGSCHALPSLQACGLSKYFFFPG
FREPSGGLLREAGLLERRRRFQASVSAQDEFLASLGVRRKVGERLISLFAYENPALPGWLEQLRDARQPSLLLVPEGRVL
ADVADWLRVATLAVGDVHVRDALRVQVLPFMAQDDYDRLLWCCDLNAVRGEDSFVRAQWAGRPLLWHIYRQEEETHLAKL
EAFLELYCAGLPADLAENLRTFWLAWNAGGGLAGAWEGLERQLPEWRREAQRWADEQGMRPDLAARLVQFYADWLLEHHH
HHH
;
_entity_poly.pdbx_strand_id   A
#
loop_
_chem_comp.id
_chem_comp.type
_chem_comp.name
_chem_comp.formula
MES non-polymer '2-(N-MORPHOLINO)-ETHANESULFONIC ACID' 'C6 H13 N O4 S'
TYD non-polymer THYMIDINE-5'-DIPHOSPHATE 'C10 H16 N2 O11 P2'
#
# COMPACT_ATOMS: atom_id res chain seq x y z
N PHE A 17 -14.54 -18.44 -26.14
CA PHE A 17 -14.53 -18.93 -24.76
C PHE A 17 -13.29 -18.45 -23.98
N GLN A 18 -13.48 -18.27 -22.67
CA GLN A 18 -12.40 -17.94 -21.76
C GLN A 18 -12.75 -18.49 -20.38
N HIS A 19 -11.74 -19.02 -19.68
CA HIS A 19 -11.97 -19.46 -18.31
C HIS A 19 -12.21 -18.26 -17.42
N MET A 20 -13.23 -18.36 -16.59
CA MET A 20 -13.52 -17.29 -15.64
C MET A 20 -13.96 -17.93 -14.32
N ALA A 21 -13.32 -17.55 -13.24
CA ALA A 21 -13.80 -17.91 -11.92
C ALA A 21 -14.41 -16.66 -11.27
N SER A 22 -15.25 -16.87 -10.27
CA SER A 22 -15.81 -15.78 -9.49
C SER A 22 -15.09 -15.67 -8.15
N TRP A 23 -14.94 -14.43 -7.68
CA TRP A 23 -14.23 -14.13 -6.44
C TRP A 23 -15.09 -13.20 -5.59
N ASP A 24 -15.27 -13.56 -4.32
CA ASP A 24 -15.82 -12.68 -3.29
C ASP A 24 -14.67 -12.18 -2.45
N ILE A 25 -14.55 -10.87 -2.27
CA ILE A 25 -13.51 -10.31 -1.42
C ILE A 25 -14.21 -9.50 -0.34
N PHE A 26 -13.99 -9.88 0.92
CA PHE A 26 -14.63 -9.24 2.05
C PHE A 26 -13.64 -8.32 2.75
N CYS A 27 -14.05 -7.06 2.92
CA CYS A 27 -13.20 -6.03 3.52
C CYS A 27 -13.97 -5.35 4.63
N SER A 28 -13.43 -5.37 5.84
CA SER A 28 -13.96 -4.55 6.93
C SER A 28 -12.99 -3.42 7.22
N VAL A 29 -13.44 -2.18 7.01
CA VAL A 29 -12.62 -1.00 7.24
C VAL A 29 -12.70 -0.66 8.72
N VAL A 30 -11.58 -0.79 9.43
CA VAL A 30 -11.53 -0.55 10.87
C VAL A 30 -11.03 0.87 11.10
N ASP A 31 -9.84 1.17 10.56
CA ASP A 31 -9.27 2.51 10.61
C ASP A 31 -8.42 2.71 9.37
N ASN A 32 -8.29 3.98 8.97
CA ASN A 32 -7.42 4.37 7.85
C ASN A 32 -7.86 3.72 6.54
N TYR A 33 -6.96 3.67 5.56
CA TYR A 33 -7.39 3.39 4.19
C TYR A 33 -6.74 2.18 3.54
N GLY A 34 -5.72 1.58 4.15
CA GLY A 34 -4.97 0.54 3.47
C GLY A 34 -5.68 -0.78 3.37
N ASP A 35 -6.63 -1.05 4.26
CA ASP A 35 -7.34 -2.31 4.13
C ASP A 35 -8.25 -2.26 2.92
N ILE A 36 -8.97 -1.15 2.73
CA ILE A 36 -9.71 -1.03 1.48
C ILE A 36 -8.76 -0.75 0.32
N GLY A 37 -7.65 -0.04 0.57
CA GLY A 37 -6.72 0.23 -0.51
C GLY A 37 -6.16 -1.05 -1.11
N VAL A 38 -5.73 -1.98 -0.26
CA VAL A 38 -5.15 -3.24 -0.73
C VAL A 38 -6.20 -4.12 -1.39
N THR A 39 -7.40 -4.25 -0.76
CA THR A 39 -8.38 -5.16 -1.36
C THR A 39 -8.95 -4.58 -2.66
N TRP A 40 -9.07 -3.26 -2.74
CA TRP A 40 -9.50 -2.65 -4.00
C TRP A 40 -8.46 -2.86 -5.09
N ARG A 41 -7.17 -2.65 -4.77
CA ARG A 41 -6.11 -2.90 -5.74
C ARG A 41 -6.17 -4.32 -6.27
N LEU A 42 -6.31 -5.28 -5.35
CA LEU A 42 -6.39 -6.69 -5.72
C LEU A 42 -7.63 -6.96 -6.57
N ALA A 43 -8.79 -6.44 -6.13
CA ALA A 43 -10.05 -6.66 -6.85
C ALA A 43 -9.94 -6.17 -8.28
N ARG A 44 -9.45 -4.93 -8.47
CA ARG A 44 -9.28 -4.36 -9.81
C ARG A 44 -8.35 -5.21 -10.67
N GLN A 45 -7.28 -5.74 -10.09
CA GLN A 45 -6.33 -6.50 -10.88
C GLN A 45 -6.90 -7.86 -11.29
N LEU A 46 -7.64 -8.50 -10.39
CA LEU A 46 -8.28 -9.76 -10.75
C LEU A 46 -9.25 -9.58 -11.91
N ALA A 47 -10.01 -8.48 -11.88
CA ALA A 47 -10.96 -8.22 -12.96
C ALA A 47 -10.23 -7.80 -14.24
N ALA A 48 -9.33 -6.83 -14.14
CA ALA A 48 -8.79 -6.20 -15.35
C ALA A 48 -7.72 -7.05 -16.02
N GLU A 49 -6.84 -7.69 -15.24
CA GLU A 49 -5.72 -8.43 -15.80
C GLU A 49 -6.01 -9.90 -15.98
N HIS A 50 -6.90 -10.46 -15.18
CA HIS A 50 -7.20 -11.90 -15.25
C HIS A 50 -8.61 -12.20 -15.72
N GLY A 51 -9.41 -11.17 -16.01
CA GLY A 51 -10.75 -11.42 -16.54
C GLY A 51 -11.67 -12.17 -15.61
N GLN A 52 -11.45 -12.08 -14.30
CA GLN A 52 -12.27 -12.78 -13.33
C GLN A 52 -13.51 -11.95 -12.99
N ALA A 53 -14.54 -12.64 -12.49
CA ALA A 53 -15.72 -11.97 -11.98
C ALA A 53 -15.49 -11.69 -10.50
N VAL A 54 -15.56 -10.41 -10.10
CA VAL A 54 -15.16 -10.05 -8.74
C VAL A 54 -16.27 -9.25 -8.08
N ARG A 55 -16.63 -9.66 -6.86
CA ARG A 55 -17.45 -8.88 -5.96
C ARG A 55 -16.61 -8.49 -4.75
N LEU A 56 -16.56 -7.19 -4.48
CA LEU A 56 -15.85 -6.63 -3.33
C LEU A 56 -16.89 -6.10 -2.34
N TRP A 57 -16.89 -6.67 -1.15
CA TRP A 57 -17.86 -6.32 -0.12
C TRP A 57 -17.16 -5.40 0.89
N VAL A 58 -17.74 -4.22 1.13
CA VAL A 58 -17.14 -3.21 1.98
C VAL A 58 -18.15 -2.77 3.02
N ASP A 59 -17.74 -2.79 4.28
CA ASP A 59 -18.67 -2.41 5.35
C ASP A 59 -18.70 -0.91 5.62
N GLU A 60 -17.87 -0.12 4.94
CA GLU A 60 -17.82 1.33 5.14
C GLU A 60 -17.58 2.03 3.81
N PRO A 61 -18.64 2.32 3.06
CA PRO A 61 -18.46 2.87 1.70
C PRO A 61 -17.78 4.23 1.66
N GLN A 62 -17.80 5.00 2.75
CA GLN A 62 -17.14 6.31 2.69
C GLN A 62 -15.63 6.17 2.52
N ALA A 63 -15.02 5.20 3.22
CA ALA A 63 -13.60 4.94 3.05
C ALA A 63 -13.28 4.63 1.59
N PHE A 64 -14.09 3.78 0.95
CA PHE A 64 -13.83 3.41 -0.44
C PHE A 64 -13.92 4.63 -1.35
N ALA A 65 -14.89 5.52 -1.09
CA ALA A 65 -15.05 6.71 -1.92
C ALA A 65 -13.81 7.60 -1.85
N ARG A 66 -13.07 7.55 -0.74
CA ARG A 66 -11.86 8.37 -0.61
C ARG A 66 -10.78 7.92 -1.60
N ILE A 67 -10.50 6.62 -1.67
CA ILE A 67 -9.43 6.14 -2.56
C ILE A 67 -9.90 5.98 -3.99
N CYS A 68 -11.20 6.02 -4.24
CA CYS A 68 -11.75 5.86 -5.60
C CYS A 68 -12.82 6.92 -5.80
N PRO A 69 -12.44 8.12 -6.28
CA PRO A 69 -13.41 9.21 -6.41
C PRO A 69 -14.55 8.92 -7.37
N ARG A 70 -14.37 7.99 -8.33
CA ARG A 70 -15.47 7.65 -9.24
C ARG A 70 -16.64 7.00 -8.52
N ALA A 71 -16.42 6.48 -7.33
CA ALA A 71 -17.44 5.69 -6.65
C ALA A 71 -18.56 6.56 -6.13
N ASP A 72 -19.76 5.97 -6.10
CA ASP A 72 -20.94 6.56 -5.49
C ASP A 72 -21.09 5.97 -4.10
N PRO A 73 -20.75 6.72 -3.03
CA PRO A 73 -20.77 6.12 -1.68
C PRO A 73 -22.15 5.74 -1.19
N VAL A 74 -23.23 6.25 -1.79
CA VAL A 74 -24.58 5.92 -1.32
C VAL A 74 -25.17 4.72 -2.03
N ALA A 75 -24.54 4.24 -3.10
CA ALA A 75 -25.08 3.11 -3.85
C ALA A 75 -24.79 1.80 -3.13
N HIS A 76 -25.76 0.90 -3.12
CA HIS A 76 -25.57 -0.42 -2.52
C HIS A 76 -24.78 -1.35 -3.43
N VAL A 77 -24.95 -1.22 -4.74
CA VAL A 77 -24.22 -2.00 -5.73
C VAL A 77 -23.78 -1.05 -6.83
N GLN A 78 -22.54 -1.18 -7.28
CA GLN A 78 -22.07 -0.40 -8.40
C GLN A 78 -20.91 -1.14 -9.04
N CYS A 79 -20.71 -0.90 -10.33
CA CYS A 79 -19.65 -1.53 -11.10
C CYS A 79 -18.59 -0.48 -11.40
N LEU A 80 -17.37 -0.72 -10.91
CA LEU A 80 -16.25 0.19 -11.13
C LEU A 80 -15.06 -0.64 -11.59
N ASP A 81 -14.51 -0.28 -12.76
CA ASP A 81 -13.37 -0.99 -13.33
C ASP A 81 -13.60 -2.50 -13.38
N GLY A 82 -14.82 -2.89 -13.72
CA GLY A 82 -15.16 -4.28 -13.83
C GLY A 82 -15.36 -5.01 -12.53
N VAL A 83 -15.24 -4.33 -11.40
CA VAL A 83 -15.49 -4.93 -10.08
C VAL A 83 -16.90 -4.55 -9.64
N GLU A 84 -17.65 -5.53 -9.15
CA GLU A 84 -18.96 -5.24 -8.57
C GLU A 84 -18.74 -4.90 -7.09
N VAL A 85 -18.84 -3.62 -6.75
CA VAL A 85 -18.59 -3.16 -5.38
C VAL A 85 -19.92 -3.12 -4.66
N ARG A 86 -20.03 -3.86 -3.56
CA ARG A 86 -21.30 -4.05 -2.88
C ARG A 86 -21.19 -3.70 -1.41
N ALA A 87 -22.24 -3.08 -0.87
CA ALA A 87 -22.26 -2.72 0.54
C ALA A 87 -22.42 -3.97 1.39
N TRP A 88 -21.60 -4.10 2.42
CA TRP A 88 -21.68 -5.22 3.35
C TRP A 88 -22.75 -4.88 4.37
N GLY A 89 -23.92 -5.50 4.25
CA GLY A 89 -25.08 -5.06 4.98
C GLY A 89 -25.12 -5.56 6.42
N ARG A 90 -25.80 -4.78 7.25
CA ARG A 90 -26.14 -5.15 8.62
C ARG A 90 -27.65 -4.96 8.75
N PRO A 91 -28.46 -6.03 8.69
CA PRO A 91 -28.04 -7.44 8.60
C PRO A 91 -27.60 -7.85 7.20
N TRP A 92 -26.93 -9.00 7.14
CA TRP A 92 -26.39 -9.49 5.87
C TRP A 92 -27.52 -10.01 4.97
N ALA A 93 -27.52 -9.55 3.73
CA ALA A 93 -28.48 -10.05 2.75
C ALA A 93 -27.91 -11.31 2.10
N PRO A 94 -28.60 -12.45 2.19
CA PRO A 94 -27.99 -13.70 1.71
C PRO A 94 -27.88 -13.74 0.19
N VAL A 95 -26.71 -14.19 -0.28
CA VAL A 95 -26.43 -14.35 -1.70
C VAL A 95 -25.67 -15.66 -1.88
N ALA A 96 -25.61 -16.12 -3.13
CA ALA A 96 -24.79 -17.29 -3.45
C ALA A 96 -23.32 -16.93 -3.33
N ALA A 97 -22.49 -17.93 -3.04
CA ALA A 97 -21.07 -17.74 -2.81
C ALA A 97 -20.26 -17.98 -4.10
N ALA A 98 -19.19 -17.23 -4.26
CA ALA A 98 -18.30 -17.30 -5.41
C ALA A 98 -17.40 -18.56 -5.37
N ASP A 99 -16.70 -18.79 -6.49
CA ASP A 99 -15.74 -19.88 -6.58
C ASP A 99 -14.64 -19.74 -5.54
N VAL A 100 -14.22 -18.51 -5.26
CA VAL A 100 -13.20 -18.22 -4.27
C VAL A 100 -13.75 -17.14 -3.38
N VAL A 101 -13.58 -17.28 -2.06
CA VAL A 101 -13.96 -16.26 -1.09
C VAL A 101 -12.70 -15.85 -0.34
N ILE A 102 -12.34 -14.58 -0.42
CA ILE A 102 -11.19 -14.04 0.29
C ILE A 102 -11.68 -13.27 1.52
N GLU A 103 -11.29 -13.74 2.68
CA GLU A 103 -11.52 -13.03 3.92
C GLU A 103 -10.27 -12.19 4.16
N ALA A 104 -10.36 -10.89 3.91
CA ALA A 104 -9.18 -10.04 4.05
C ALA A 104 -8.95 -9.65 5.51
N PHE A 105 -7.74 -9.91 6.00
CA PHE A 105 -7.30 -9.44 7.32
C PHE A 105 -8.26 -9.89 8.42
N ALA A 106 -8.72 -11.15 8.31
CA ALA A 106 -9.48 -11.83 9.36
C ALA A 106 -10.76 -11.08 9.76
N CYS A 107 -11.49 -10.55 8.77
CA CYS A 107 -12.66 -9.73 9.05
C CYS A 107 -13.91 -10.53 9.40
N GLU A 108 -13.89 -11.85 9.26
CA GLU A 108 -14.99 -12.75 9.62
C GLU A 108 -16.18 -12.70 8.67
N LEU A 109 -16.40 -13.79 7.95
CA LEU A 109 -17.44 -13.88 6.93
C LEU A 109 -18.83 -13.95 7.56
N PRO A 110 -19.86 -13.48 6.84
CA PRO A 110 -21.23 -13.67 7.30
C PRO A 110 -21.57 -15.15 7.42
N GLU A 111 -22.33 -15.50 8.47
CA GLU A 111 -22.70 -16.89 8.70
C GLU A 111 -23.40 -17.50 7.49
N ALA A 112 -24.35 -16.78 6.90
CA ALA A 112 -25.06 -17.30 5.75
C ALA A 112 -24.13 -17.49 4.56
N HIS A 113 -23.06 -16.70 4.48
CA HIS A 113 -22.14 -16.87 3.36
C HIS A 113 -21.33 -18.14 3.51
N ARG A 114 -20.93 -18.47 4.74
CA ARG A 114 -20.25 -19.74 4.96
C ARG A 114 -21.17 -20.92 4.62
N GLN A 115 -22.46 -20.81 4.92
CA GLN A 115 -23.39 -21.84 4.50
CA GLN A 115 -23.39 -21.84 4.50
C GLN A 115 -23.44 -21.95 2.98
N ALA A 116 -23.50 -20.80 2.29
CA ALA A 116 -23.54 -20.83 0.83
C ALA A 116 -22.26 -21.44 0.26
N MET A 117 -21.11 -21.17 0.91
CA MET A 117 -19.84 -21.70 0.42
C MET A 117 -19.83 -23.22 0.49
N ARG A 118 -20.46 -23.78 1.52
CA ARG A 118 -20.43 -25.22 1.74
C ARG A 118 -21.50 -25.95 0.97
N GLU A 119 -22.58 -25.27 0.58
CA GLU A 119 -23.67 -25.88 -0.18
C GLU A 119 -23.33 -26.08 -1.66
N ARG A 120 -22.29 -25.43 -2.17
CA ARG A 120 -21.97 -25.55 -3.58
C ARG A 120 -21.55 -26.98 -3.92
N LYS A 121 -21.82 -27.39 -5.16
CA LYS A 121 -21.33 -28.69 -5.63
C LYS A 121 -19.82 -28.76 -5.53
N ARG A 122 -19.13 -27.68 -5.90
CA ARG A 122 -17.71 -27.47 -5.58
C ARG A 122 -17.62 -26.36 -4.54
N PRO A 123 -17.43 -26.69 -3.26
CA PRO A 123 -17.38 -25.65 -2.23
C PRO A 123 -16.35 -24.59 -2.56
N SER A 124 -16.66 -23.35 -2.16
CA SER A 124 -15.75 -22.23 -2.38
C SER A 124 -14.38 -22.52 -1.80
N LEU A 125 -13.34 -22.11 -2.54
CA LEU A 125 -12.01 -22.01 -1.97
C LEU A 125 -11.99 -20.82 -1.02
N TRP A 126 -11.61 -21.05 0.23
CA TRP A 126 -11.69 -20.05 1.28
C TRP A 126 -10.29 -19.62 1.65
N LEU A 127 -9.95 -18.36 1.40
CA LEU A 127 -8.62 -17.81 1.67
C LEU A 127 -8.70 -16.74 2.75
N ASN A 128 -7.65 -16.65 3.55
CA ASN A 128 -7.45 -15.57 4.52
C ASN A 128 -6.26 -14.76 4.03
N LEU A 129 -6.52 -13.54 3.57
CA LEU A 129 -5.44 -12.67 3.11
C LEU A 129 -4.84 -11.96 4.31
N GLU A 130 -3.55 -12.16 4.53
CA GLU A 130 -2.87 -11.67 5.72
C GLU A 130 -2.16 -10.35 5.44
N TYR A 131 -1.86 -9.63 6.52
CA TYR A 131 -1.03 -8.45 6.37
C TYR A 131 0.38 -8.83 5.91
N LEU A 132 1.03 -7.89 5.23
CA LEU A 132 2.38 -8.11 4.70
C LEU A 132 3.42 -8.08 5.81
N SER A 133 4.38 -9.01 5.75
CA SER A 133 5.49 -9.01 6.70
C SER A 133 6.76 -9.50 6.02
N ALA A 134 7.89 -8.91 6.38
CA ALA A 134 9.19 -9.41 5.99
C ALA A 134 9.73 -10.43 6.98
N GLU A 135 8.96 -10.80 7.99
CA GLU A 135 9.44 -11.76 8.98
C GLU A 135 9.61 -13.12 8.32
N GLU A 136 10.73 -13.77 8.61
CA GLU A 136 11.05 -15.03 7.92
C GLU A 136 9.99 -16.10 8.18
N TRP A 137 9.36 -16.07 9.35
CA TRP A 137 8.48 -17.18 9.73
C TRP A 137 7.22 -17.30 8.87
N ILE A 138 6.80 -16.22 8.18
CA ILE A 138 5.59 -16.32 7.38
C ILE A 138 5.75 -17.36 6.27
N GLY A 139 7.00 -17.65 5.87
CA GLY A 139 7.22 -18.68 4.87
C GLY A 139 6.72 -20.05 5.30
N SER A 140 6.82 -20.36 6.61
CA SER A 140 6.35 -21.63 7.13
C SER A 140 4.83 -21.71 7.18
N CYS A 141 4.13 -20.58 7.06
CA CYS A 141 2.69 -20.56 7.18
C CYS A 141 1.98 -20.22 5.88
N HIS A 142 2.70 -19.79 4.85
CA HIS A 142 2.04 -19.44 3.62
C HIS A 142 1.37 -20.66 3.00
N ALA A 143 0.12 -20.49 2.59
CA ALA A 143 -0.72 -21.53 2.00
C ALA A 143 -1.13 -22.62 2.99
N LEU A 144 -0.95 -22.40 4.29
CA LEU A 144 -1.33 -23.38 5.29
C LEU A 144 -2.84 -23.58 5.32
N PRO A 145 -3.35 -24.81 5.14
CA PRO A 145 -4.78 -25.05 5.32
C PRO A 145 -5.15 -25.19 6.79
N SER A 146 -6.38 -24.83 7.11
CA SER A 146 -6.90 -24.96 8.46
C SER A 146 -8.34 -25.43 8.39
N LEU A 147 -8.57 -26.67 8.81
CA LEU A 147 -9.92 -27.23 8.82
C LEU A 147 -10.79 -26.48 9.82
N GLN A 148 -11.95 -26.05 9.36
CA GLN A 148 -12.91 -25.31 10.17
C GLN A 148 -13.97 -26.28 10.70
N ALA A 149 -14.81 -25.77 11.62
CA ALA A 149 -15.81 -26.61 12.25
C ALA A 149 -16.87 -27.07 11.25
N CYS A 150 -17.29 -26.17 10.36
CA CYS A 150 -18.29 -26.49 9.35
C CYS A 150 -17.82 -27.53 8.35
N GLY A 151 -16.55 -27.92 8.37
CA GLY A 151 -16.02 -28.91 7.46
C GLY A 151 -15.29 -28.33 6.27
N LEU A 152 -15.39 -27.03 6.05
CA LEU A 152 -14.54 -26.40 5.05
C LEU A 152 -13.17 -26.12 5.65
N SER A 153 -12.17 -26.03 4.79
CA SER A 153 -10.87 -25.53 5.21
C SER A 153 -10.69 -24.13 4.66
N LYS A 154 -9.95 -23.32 5.39
CA LYS A 154 -9.47 -22.08 4.82
C LYS A 154 -7.96 -22.17 4.69
N TYR A 155 -7.41 -21.31 3.84
CA TYR A 155 -5.99 -21.29 3.54
C TYR A 155 -5.48 -19.89 3.85
N PHE A 156 -4.40 -19.82 4.62
CA PHE A 156 -3.75 -18.56 4.92
C PHE A 156 -2.86 -18.16 3.77
N PHE A 157 -2.96 -16.91 3.35
CA PHE A 157 -2.19 -16.42 2.22
C PHE A 157 -1.40 -15.23 2.73
N PHE A 158 -0.07 -15.40 2.87
CA PHE A 158 0.80 -14.42 3.49
C PHE A 158 1.60 -13.72 2.40
N PRO A 159 1.32 -12.44 2.08
CA PRO A 159 2.19 -11.72 1.14
C PRO A 159 3.58 -11.63 1.72
N GLY A 160 4.58 -11.52 0.85
CA GLY A 160 5.93 -11.48 1.39
C GLY A 160 6.96 -10.97 0.40
N PHE A 161 8.14 -10.71 0.94
CA PHE A 161 9.26 -10.13 0.20
C PHE A 161 10.26 -11.17 -0.28
N ARG A 162 10.10 -12.42 0.12
CA ARG A 162 11.02 -13.48 -0.26
C ARG A 162 10.22 -14.76 -0.42
N GLU A 163 10.89 -15.82 -0.97
CA GLU A 163 10.15 -17.07 -1.09
C GLU A 163 10.44 -17.98 0.10
N PRO A 164 9.47 -18.81 0.52
CA PRO A 164 8.10 -18.90 0.01
C PRO A 164 7.20 -17.83 0.61
N SER A 165 6.29 -17.28 -0.19
CA SER A 165 5.30 -16.30 0.27
C SER A 165 4.30 -16.10 -0.87
N GLY A 166 3.32 -15.24 -0.60
CA GLY A 166 2.36 -14.88 -1.63
C GLY A 166 2.76 -13.66 -2.43
N GLY A 167 4.00 -13.19 -2.31
CA GLY A 167 4.47 -12.09 -3.14
C GLY A 167 3.86 -10.75 -2.75
N LEU A 168 3.96 -9.80 -3.69
CA LEU A 168 3.50 -8.42 -3.54
C LEU A 168 2.56 -8.07 -4.68
N LEU A 169 1.53 -7.26 -4.38
CA LEU A 169 0.68 -6.76 -5.46
C LEU A 169 1.51 -5.91 -6.42
N ARG A 170 1.37 -6.18 -7.72
CA ARG A 170 2.05 -5.35 -8.71
C ARG A 170 1.33 -5.49 -10.04
N GLU A 171 0.84 -4.37 -10.58
CA GLU A 171 0.08 -4.39 -11.82
C GLU A 171 0.99 -4.73 -13.00
N ALA A 172 0.41 -5.38 -14.01
CA ALA A 172 1.13 -5.63 -15.25
C ALA A 172 1.69 -4.34 -15.83
N GLY A 173 2.97 -4.36 -16.20
CA GLY A 173 3.59 -3.22 -16.84
C GLY A 173 3.90 -2.05 -15.92
N LEU A 174 3.76 -2.22 -14.60
CA LEU A 174 3.88 -1.08 -13.69
C LEU A 174 5.25 -0.44 -13.76
N LEU A 175 6.32 -1.24 -13.66
CA LEU A 175 7.66 -0.65 -13.60
C LEU A 175 8.06 -0.07 -14.94
N GLU A 176 7.61 -0.67 -16.03
CA GLU A 176 7.85 -0.07 -17.35
C GLU A 176 7.20 1.31 -17.43
N ARG A 177 5.94 1.43 -16.95
CA ARG A 177 5.29 2.74 -16.93
C ARG A 177 6.02 3.69 -16.01
N ARG A 178 6.45 3.21 -14.84
CA ARG A 178 7.14 4.09 -13.91
C ARG A 178 8.45 4.59 -14.49
N ARG A 179 9.22 3.71 -15.15
CA ARG A 179 10.48 4.12 -15.74
C ARG A 179 10.27 5.19 -16.80
N ARG A 180 9.27 5.02 -17.66
CA ARG A 180 9.02 6.01 -18.71
C ARG A 180 8.60 7.34 -18.12
N PHE A 181 7.80 7.31 -17.06
CA PHE A 181 7.36 8.54 -16.39
C PHE A 181 8.54 9.28 -15.77
N GLN A 182 9.38 8.56 -15.04
CA GLN A 182 10.54 9.17 -14.41
C GLN A 182 11.58 9.63 -15.43
N ALA A 183 11.58 9.05 -16.63
CA ALA A 183 12.47 9.52 -17.68
C ALA A 183 11.96 10.75 -18.42
N SER A 184 10.74 11.22 -18.12
CA SER A 184 10.15 12.32 -18.87
C SER A 184 9.95 13.52 -17.95
N VAL A 185 10.78 14.55 -18.12
CA VAL A 185 10.61 15.77 -17.33
C VAL A 185 9.23 16.36 -17.55
N SER A 186 8.75 16.36 -18.80
CA SER A 186 7.46 16.99 -19.10
C SER A 186 6.30 16.23 -18.46
N ALA A 187 6.35 14.90 -18.48
CA ALA A 187 5.31 14.11 -17.83
C ALA A 187 5.22 14.41 -16.34
N GLN A 188 6.38 14.53 -15.68
CA GLN A 188 6.37 14.88 -14.26
C GLN A 188 5.86 16.30 -14.04
N ASP A 189 6.36 17.25 -14.84
CA ASP A 189 5.94 18.64 -14.65
C ASP A 189 4.45 18.80 -14.90
N GLU A 190 3.92 18.09 -15.90
CA GLU A 190 2.50 18.15 -16.19
C GLU A 190 1.68 17.58 -15.05
N PHE A 191 2.09 16.41 -14.53
CA PHE A 191 1.35 15.81 -13.42
C PHE A 191 1.38 16.72 -12.20
N LEU A 192 2.56 17.23 -11.84
CA LEU A 192 2.65 18.07 -10.65
C LEU A 192 1.84 19.33 -10.81
N ALA A 193 1.82 19.90 -12.03
CA ALA A 193 1.04 21.11 -12.25
C ALA A 193 -0.46 20.84 -12.05
N SER A 194 -0.91 19.63 -12.36
CA SER A 194 -2.32 19.29 -12.14
C SER A 194 -2.67 19.30 -10.66
N LEU A 195 -1.66 19.21 -9.78
CA LEU A 195 -1.82 19.35 -8.35
C LEU A 195 -1.51 20.76 -7.85
N GLY A 196 -1.23 21.69 -8.75
CA GLY A 196 -0.81 23.02 -8.33
C GLY A 196 0.62 23.12 -7.86
N VAL A 197 1.46 22.14 -8.18
CA VAL A 197 2.84 22.09 -7.69
C VAL A 197 3.78 22.45 -8.83
N ARG A 198 4.76 23.31 -8.54
CA ARG A 198 5.83 23.62 -9.48
C ARG A 198 7.15 23.49 -8.73
N ARG A 199 7.95 22.49 -9.09
CA ARG A 199 9.26 22.31 -8.47
C ARG A 199 10.19 23.45 -8.87
N LYS A 200 11.08 23.82 -7.96
CA LYS A 200 12.16 24.77 -8.26
C LYS A 200 13.43 24.00 -8.56
N VAL A 201 14.29 24.59 -9.38
CA VAL A 201 15.54 23.94 -9.76
C VAL A 201 16.37 23.68 -8.51
N GLY A 202 16.85 22.45 -8.38
CA GLY A 202 17.68 22.07 -7.25
C GLY A 202 16.92 21.75 -5.97
N GLU A 203 15.61 21.83 -5.99
CA GLU A 203 14.77 21.60 -4.81
C GLU A 203 14.43 20.12 -4.74
N ARG A 204 14.75 19.49 -3.60
CA ARG A 204 14.39 18.10 -3.38
C ARG A 204 12.91 17.98 -3.04
N LEU A 205 12.24 16.99 -3.64
CA LEU A 205 10.81 16.80 -3.49
C LEU A 205 10.56 15.65 -2.52
N ILE A 206 9.83 15.93 -1.43
CA ILE A 206 9.55 14.96 -0.38
C ILE A 206 8.04 14.90 -0.18
N SER A 207 7.47 13.69 -0.21
CA SER A 207 6.06 13.52 0.12
C SER A 207 5.94 13.04 1.57
N LEU A 208 4.86 13.45 2.23
CA LEU A 208 4.68 13.14 3.64
C LEU A 208 3.29 12.53 3.84
N PHE A 209 3.25 11.23 4.10
CA PHE A 209 2.02 10.50 4.39
C PHE A 209 2.34 9.69 5.63
N ALA A 210 1.79 10.09 6.77
CA ALA A 210 2.23 9.50 8.02
C ALA A 210 1.09 9.54 9.01
N TYR A 211 1.30 8.94 10.17
CA TYR A 211 0.38 9.13 11.26
C TYR A 211 0.90 10.30 12.09
N GLU A 212 0.18 10.63 13.17
CA GLU A 212 0.71 11.60 14.11
C GLU A 212 2.07 11.13 14.60
N ASN A 213 3.06 12.03 14.58
CA ASN A 213 4.43 11.60 14.78
C ASN A 213 5.20 12.68 15.53
N PRO A 214 5.55 12.44 16.79
CA PRO A 214 6.29 13.45 17.56
C PRO A 214 7.71 13.68 17.08
N ALA A 215 8.22 12.82 16.21
CA ALA A 215 9.52 13.01 15.57
C ALA A 215 9.48 14.04 14.43
N LEU A 216 8.29 14.46 14.00
CA LEU A 216 8.19 15.31 12.83
C LEU A 216 8.81 16.70 13.03
N PRO A 217 8.55 17.43 14.12
CA PRO A 217 9.12 18.78 14.22
C PRO A 217 10.63 18.80 14.19
N GLY A 218 11.28 17.78 14.75
CA GLY A 218 12.73 17.71 14.68
C GLY A 218 13.24 17.51 13.27
N TRP A 219 12.51 16.77 12.45
CA TRP A 219 12.91 16.60 11.06
C TRP A 219 12.62 17.86 10.26
N LEU A 220 11.47 18.50 10.51
CA LEU A 220 11.14 19.74 9.81
C LEU A 220 12.18 20.83 10.10
N GLU A 221 12.67 20.89 11.33
CA GLU A 221 13.69 21.89 11.66
C GLU A 221 14.98 21.60 10.89
N GLN A 222 15.32 20.32 10.73
CA GLN A 222 16.50 19.96 9.94
C GLN A 222 16.31 20.29 8.47
N LEU A 223 15.11 20.08 7.93
CA LEU A 223 14.84 20.50 6.55
C LEU A 223 14.89 22.03 6.42
N ARG A 224 14.40 22.74 7.43
CA ARG A 224 14.43 24.21 7.39
C ARG A 224 15.85 24.75 7.39
N ASP A 225 16.74 24.13 8.16
CA ASP A 225 18.07 24.66 8.44
C ASP A 225 19.13 24.15 7.47
N ALA A 226 18.74 23.32 6.50
CA ALA A 226 19.67 22.69 5.59
C ALA A 226 20.21 23.68 4.56
N ARG A 227 21.31 23.30 3.92
CA ARG A 227 21.87 24.10 2.83
C ARG A 227 21.01 23.96 1.57
N GLN A 228 20.60 22.75 1.24
CA GLN A 228 19.82 22.52 0.02
C GLN A 228 18.33 22.61 0.33
N PRO A 229 17.56 23.21 -0.58
CA PRO A 229 16.12 23.42 -0.32
C PRO A 229 15.30 22.16 -0.56
N SER A 230 14.18 22.08 0.15
CA SER A 230 13.24 20.98 0.02
C SER A 230 11.84 21.52 -0.19
N LEU A 231 11.05 20.77 -0.97
CA LEU A 231 9.62 21.01 -1.10
C LEU A 231 8.89 19.81 -0.50
N LEU A 232 8.14 20.04 0.58
CA LEU A 232 7.46 18.99 1.33
C LEU A 232 5.99 19.00 0.93
N LEU A 233 5.54 17.94 0.25
CA LEU A 233 4.18 17.84 -0.27
C LEU A 233 3.37 16.96 0.68
N VAL A 234 2.30 17.52 1.24
CA VAL A 234 1.55 16.87 2.29
C VAL A 234 0.11 16.69 1.83
N PRO A 235 -0.25 15.52 1.31
CA PRO A 235 -1.67 15.22 1.07
C PRO A 235 -2.46 15.36 2.35
N GLU A 236 -3.68 15.90 2.25
CA GLU A 236 -4.51 16.12 3.42
CA GLU A 236 -4.51 16.12 3.42
C GLU A 236 -4.70 14.82 4.20
N GLY A 237 -4.69 14.93 5.53
CA GLY A 237 -4.76 13.73 6.34
C GLY A 237 -4.42 14.00 7.79
N ARG A 238 -3.92 12.97 8.46
CA ARG A 238 -3.62 13.06 9.89
C ARG A 238 -2.56 14.11 10.17
N VAL A 239 -1.38 13.92 9.59
CA VAL A 239 -0.18 14.66 9.95
C VAL A 239 -0.31 16.17 9.75
N LEU A 240 -1.37 16.64 9.07
CA LEU A 240 -1.45 18.04 8.69
C LEU A 240 -1.60 18.95 9.90
N ALA A 241 -2.30 18.51 10.94
CA ALA A 241 -2.38 19.32 12.15
C ALA A 241 -1.01 19.45 12.81
N ASP A 242 -0.23 18.37 12.82
CA ASP A 242 1.14 18.45 13.33
C ASP A 242 1.97 19.43 12.51
N VAL A 243 1.83 19.40 11.18
CA VAL A 243 2.57 20.35 10.35
C VAL A 243 2.12 21.78 10.62
N ALA A 244 0.80 21.97 10.74
CA ALA A 244 0.28 23.30 11.02
C ALA A 244 0.78 23.82 12.37
N ASP A 245 0.86 22.95 13.38
CA ASP A 245 1.41 23.36 14.66
CA ASP A 245 1.42 23.36 14.66
C ASP A 245 2.86 23.78 14.52
N TRP A 246 3.66 23.02 13.76
CA TRP A 246 5.06 23.38 13.58
C TRP A 246 5.20 24.69 12.81
N LEU A 247 4.39 24.88 11.75
CA LEU A 247 4.37 26.15 11.02
C LEU A 247 3.81 27.31 11.83
N ARG A 248 3.17 27.03 12.97
CA ARG A 248 2.47 28.04 13.76
C ARG A 248 1.41 28.75 12.90
N VAL A 249 0.61 27.96 12.19
CA VAL A 249 -0.54 28.49 11.45
C VAL A 249 -1.79 27.81 11.99
N ALA A 250 -2.88 28.58 12.08
CA ALA A 250 -4.11 28.03 12.63
C ALA A 250 -4.77 27.07 11.65
N THR A 251 -4.73 27.40 10.35
CA THR A 251 -5.37 26.59 9.34
C THR A 251 -4.37 26.21 8.25
N LEU A 252 -4.43 24.96 7.80
CA LEU A 252 -3.71 24.48 6.63
C LEU A 252 -4.72 23.89 5.66
N ALA A 253 -4.85 24.51 4.49
CA ALA A 253 -5.83 24.10 3.49
C ALA A 253 -5.13 23.66 2.21
N VAL A 254 -5.82 22.80 1.46
CA VAL A 254 -5.31 22.35 0.16
C VAL A 254 -4.93 23.56 -0.68
N GLY A 255 -3.74 23.51 -1.27
CA GLY A 255 -3.21 24.61 -2.04
C GLY A 255 -2.34 25.58 -1.27
N ASP A 256 -2.38 25.57 0.07
CA ASP A 256 -1.57 26.51 0.84
C ASP A 256 -0.10 26.17 0.72
N VAL A 257 0.74 27.21 0.63
CA VAL A 257 2.19 27.08 0.58
C VAL A 257 2.80 27.94 1.68
N HIS A 258 3.72 27.38 2.45
CA HIS A 258 4.45 28.12 3.47
C HIS A 258 5.94 27.85 3.34
N VAL A 259 6.73 28.92 3.50
CA VAL A 259 8.18 28.84 3.33
C VAL A 259 8.83 29.14 4.67
N ARG A 260 9.73 28.25 5.09
CA ARG A 260 10.53 28.41 6.31
C ARG A 260 11.97 28.18 5.86
N ASP A 261 12.65 29.27 5.49
CA ASP A 261 14.04 29.19 5.02
C ASP A 261 14.16 28.16 3.91
N ALA A 262 14.91 27.08 4.13
CA ALA A 262 15.17 26.12 3.06
C ALA A 262 14.00 25.18 2.80
N LEU A 263 12.95 25.23 3.60
CA LEU A 263 11.82 24.31 3.51
C LEU A 263 10.59 25.03 2.99
N ARG A 264 10.00 24.50 1.91
CA ARG A 264 8.70 24.91 1.42
CA ARG A 264 8.70 24.91 1.42
C ARG A 264 7.72 23.78 1.66
N VAL A 265 6.55 24.11 2.25
CA VAL A 265 5.50 23.14 2.53
C VAL A 265 4.29 23.48 1.67
N GLN A 266 3.74 22.46 1.00
CA GLN A 266 2.54 22.67 0.19
C GLN A 266 1.55 21.54 0.48
N VAL A 267 0.29 21.92 0.66
CA VAL A 267 -0.78 20.98 0.97
C VAL A 267 -1.40 20.47 -0.32
N LEU A 268 -1.45 19.12 -0.48
CA LEU A 268 -2.10 18.54 -1.64
C LEU A 268 -3.49 18.02 -1.29
N PRO A 269 -4.35 17.84 -2.28
CA PRO A 269 -5.59 17.09 -2.04
C PRO A 269 -5.30 15.62 -1.83
N PHE A 270 -6.21 14.93 -1.15
CA PHE A 270 -6.16 13.47 -1.08
C PHE A 270 -6.66 12.97 -2.43
N MET A 271 -5.78 12.34 -3.19
CA MET A 271 -5.99 12.04 -4.60
C MET A 271 -6.29 10.57 -4.83
N ALA A 272 -6.69 10.26 -6.06
CA ALA A 272 -6.97 8.87 -6.42
C ALA A 272 -5.71 8.02 -6.29
N GLN A 273 -5.92 6.72 -6.06
CA GLN A 273 -4.80 5.81 -5.83
C GLN A 273 -3.75 5.89 -6.94
N ASP A 274 -4.19 5.92 -8.21
CA ASP A 274 -3.24 5.95 -9.32
C ASP A 274 -2.49 7.27 -9.36
N ASP A 275 -3.17 8.38 -9.03
CA ASP A 275 -2.47 9.64 -8.98
C ASP A 275 -1.47 9.68 -7.84
N TYR A 276 -1.76 9.00 -6.72
CA TYR A 276 -0.78 8.94 -5.65
C TYR A 276 0.48 8.20 -6.09
N ASP A 277 0.33 7.14 -6.90
CA ASP A 277 1.51 6.53 -7.51
C ASP A 277 2.37 7.56 -8.25
N ARG A 278 1.73 8.35 -9.12
CA ARG A 278 2.48 9.35 -9.89
C ARG A 278 3.21 10.34 -8.97
N LEU A 279 2.57 10.75 -7.87
CA LEU A 279 3.25 11.60 -6.89
C LEU A 279 4.49 10.89 -6.34
N LEU A 280 4.32 9.65 -5.89
CA LEU A 280 5.47 8.88 -5.40
C LEU A 280 6.57 8.82 -6.44
N TRP A 281 6.18 8.63 -7.71
CA TRP A 281 7.17 8.54 -8.78
C TRP A 281 7.93 9.84 -9.00
N CYS A 282 7.32 10.98 -8.68
CA CYS A 282 7.98 12.28 -8.86
C CYS A 282 8.98 12.56 -7.75
N CYS A 283 8.73 12.08 -6.55
CA CYS A 283 9.45 12.55 -5.38
C CYS A 283 10.80 11.87 -5.25
N ASP A 284 11.72 12.59 -4.60
CA ASP A 284 13.05 12.08 -4.30
C ASP A 284 13.09 11.24 -3.04
N LEU A 285 12.12 11.44 -2.15
CA LEU A 285 11.97 10.68 -0.93
C LEU A 285 10.49 10.67 -0.58
N ASN A 286 9.93 9.49 -0.33
CA ASN A 286 8.51 9.35 0.00
C ASN A 286 8.37 8.81 1.42
N ALA A 287 7.83 9.64 2.32
CA ALA A 287 7.40 9.17 3.63
C ALA A 287 6.01 8.59 3.51
N VAL A 288 5.86 7.31 3.83
CA VAL A 288 4.63 6.58 3.63
C VAL A 288 4.33 5.82 4.91
N ARG A 289 3.24 5.07 4.91
CA ARG A 289 2.84 4.41 6.14
C ARG A 289 2.13 3.10 5.79
N GLY A 290 1.64 2.43 6.84
CA GLY A 290 0.70 1.34 6.65
C GLY A 290 1.25 0.22 5.79
N GLU A 291 0.46 -0.21 4.82
CA GLU A 291 0.81 -1.38 4.00
C GLU A 291 0.84 -1.09 2.51
N ASP A 292 -0.22 -0.48 1.96
CA ASP A 292 -0.25 -0.28 0.50
C ASP A 292 0.75 0.78 0.07
N SER A 293 0.70 1.98 0.68
CA SER A 293 1.64 3.02 0.27
C SER A 293 3.07 2.58 0.51
N PHE A 294 3.28 1.78 1.55
CA PHE A 294 4.61 1.21 1.81
C PHE A 294 5.15 0.49 0.59
N VAL A 295 4.34 -0.37 -0.02
CA VAL A 295 4.77 -1.12 -1.19
C VAL A 295 4.82 -0.24 -2.44
N ARG A 296 3.83 0.66 -2.62
CA ARG A 296 3.86 1.55 -3.78
C ARG A 296 5.13 2.41 -3.78
N ALA A 297 5.59 2.82 -2.60
CA ALA A 297 6.82 3.61 -2.54
C ALA A 297 8.01 2.79 -3.00
N GLN A 298 7.98 1.48 -2.75
CA GLN A 298 9.06 0.62 -3.23
C GLN A 298 9.01 0.45 -4.73
N TRP A 299 7.81 0.29 -5.31
CA TRP A 299 7.74 0.25 -6.77
C TRP A 299 8.19 1.56 -7.40
N ALA A 300 8.05 2.69 -6.69
CA ALA A 300 8.54 3.97 -7.19
C ALA A 300 10.05 3.97 -7.40
N GLY A 301 10.77 3.03 -6.80
CA GLY A 301 12.22 3.00 -6.99
C GLY A 301 12.91 4.22 -6.44
N ARG A 302 12.44 4.73 -5.31
CA ARG A 302 12.96 5.93 -4.69
C ARG A 302 13.12 5.68 -3.20
N PRO A 303 14.02 6.41 -2.55
CA PRO A 303 14.09 6.37 -1.09
C PRO A 303 12.71 6.55 -0.47
N LEU A 304 12.54 5.92 0.68
CA LEU A 304 11.27 5.98 1.39
C LEU A 304 11.53 5.98 2.88
N LEU A 305 10.53 6.45 3.61
CA LEU A 305 10.49 6.44 5.05
C LEU A 305 9.15 5.84 5.43
N TRP A 306 9.18 4.84 6.30
CA TRP A 306 7.99 4.05 6.59
C TRP A 306 7.55 4.30 8.03
N HIS A 307 6.30 4.70 8.20
CA HIS A 307 5.70 4.88 9.52
C HIS A 307 4.73 3.73 9.75
N ILE A 308 5.03 2.88 10.72
CA ILE A 308 4.10 1.87 11.18
C ILE A 308 3.50 2.37 12.49
N TYR A 309 2.19 2.21 12.65
CA TYR A 309 1.58 2.68 13.89
C TYR A 309 1.76 1.64 14.98
N ARG A 310 2.27 2.09 16.12
CA ARG A 310 2.54 1.22 17.26
C ARG A 310 1.24 0.66 17.84
N THR A 315 3.14 -4.49 18.82
CA THR A 315 4.16 -5.43 18.41
C THR A 315 4.65 -5.11 17.00
N HIS A 316 4.66 -3.82 16.67
CA HIS A 316 5.07 -3.36 15.35
C HIS A 316 6.57 -3.53 15.11
N LEU A 317 7.36 -3.68 16.17
CA LEU A 317 8.81 -3.64 16.04
C LEU A 317 9.34 -4.83 15.27
N ALA A 318 8.72 -6.00 15.41
CA ALA A 318 9.17 -7.19 14.70
C ALA A 318 9.09 -6.98 13.19
N LYS A 319 7.99 -6.40 12.69
CA LYS A 319 7.84 -6.19 11.26
C LYS A 319 8.83 -5.15 10.76
N LEU A 320 9.05 -4.09 11.54
CA LEU A 320 9.99 -3.03 11.16
C LEU A 320 11.41 -3.56 11.05
N GLU A 321 11.87 -4.26 12.10
CA GLU A 321 13.23 -4.78 12.11
C GLU A 321 13.43 -5.84 11.02
N ALA A 322 12.42 -6.68 10.79
CA ALA A 322 12.56 -7.70 9.75
C ALA A 322 12.69 -7.06 8.37
N PHE A 323 11.91 -6.01 8.10
CA PHE A 323 12.04 -5.38 6.79
C PHE A 323 13.39 -4.69 6.66
N LEU A 324 13.84 -4.00 7.71
CA LEU A 324 15.13 -3.33 7.67
C LEU A 324 16.26 -4.33 7.40
N GLU A 325 16.19 -5.51 8.02
CA GLU A 325 17.22 -6.52 7.77
C GLU A 325 17.31 -6.85 6.28
N LEU A 326 16.17 -7.08 5.64
CA LEU A 326 16.15 -7.46 4.23
C LEU A 326 16.50 -6.28 3.34
N TYR A 327 15.86 -5.13 3.58
CA TYR A 327 16.06 -3.97 2.72
C TYR A 327 17.48 -3.41 2.83
N CYS A 328 18.07 -3.48 4.03
CA CYS A 328 19.43 -2.96 4.22
C CYS A 328 20.52 -3.94 3.83
N ALA A 329 20.19 -5.21 3.56
CA ALA A 329 21.21 -6.22 3.32
C ALA A 329 22.09 -5.87 2.12
N GLY A 330 21.51 -5.25 1.10
CA GLY A 330 22.24 -4.83 -0.08
C GLY A 330 22.84 -3.44 -0.04
N LEU A 331 22.69 -2.69 1.11
CA LEU A 331 23.21 -1.33 1.09
C LEU A 331 24.62 -1.26 1.66
N PRO A 332 25.39 -0.23 1.30
CA PRO A 332 26.65 0.00 2.02
C PRO A 332 26.39 0.19 3.50
N ALA A 333 27.37 -0.23 4.31
CA ALA A 333 27.24 -0.21 5.77
C ALA A 333 26.82 1.16 6.30
N ASP A 334 27.45 2.23 5.79
CA ASP A 334 27.15 3.55 6.34
C ASP A 334 25.74 4.00 5.99
N LEU A 335 25.29 3.73 4.77
CA LEU A 335 23.91 4.05 4.42
C LEU A 335 22.95 3.19 5.26
N ALA A 336 23.21 1.89 5.34
CA ALA A 336 22.37 1.00 6.13
C ALA A 336 22.25 1.50 7.58
N GLU A 337 23.37 1.87 8.21
CA GLU A 337 23.30 2.29 9.61
C GLU A 337 22.48 3.58 9.78
N ASN A 338 22.70 4.58 8.92
CA ASN A 338 21.93 5.82 9.02
C ASN A 338 20.46 5.60 8.70
N LEU A 339 20.17 4.76 7.72
CA LEU A 339 18.78 4.46 7.37
C LEU A 339 18.07 3.80 8.54
N ARG A 340 18.70 2.79 9.14
CA ARG A 340 18.09 2.07 10.24
C ARG A 340 17.85 2.99 11.43
N THR A 341 18.86 3.78 11.81
CA THR A 341 18.71 4.71 12.93
C THR A 341 17.57 5.68 12.69
N PHE A 342 17.47 6.22 11.48
CA PHE A 342 16.42 7.18 11.17
C PHE A 342 15.04 6.53 11.22
N TRP A 343 14.89 5.37 10.59
CA TRP A 343 13.59 4.69 10.59
C TRP A 343 13.15 4.32 11.99
N LEU A 344 14.07 3.84 12.82
CA LEU A 344 13.70 3.47 14.19
C LEU A 344 13.25 4.70 14.98
N ALA A 345 14.01 5.79 14.87
CA ALA A 345 13.62 7.03 15.54
C ALA A 345 12.33 7.60 14.98
N TRP A 346 12.13 7.49 13.66
CA TRP A 346 10.87 7.90 13.03
C TRP A 346 9.69 7.15 13.62
N ASN A 347 9.89 5.92 14.07
CA ASN A 347 8.80 5.12 14.60
C ASN A 347 8.78 5.09 16.12
N ALA A 348 9.73 5.77 16.76
CA ALA A 348 9.81 5.84 18.22
C ALA A 348 9.57 7.25 18.76
N GLY A 349 9.36 8.24 17.90
CA GLY A 349 8.99 9.57 18.33
C GLY A 349 10.13 10.47 18.75
N GLY A 350 11.18 10.55 17.93
CA GLY A 350 12.25 11.48 18.20
C GLY A 350 13.65 10.88 18.14
N GLY A 351 14.65 11.74 18.07
CA GLY A 351 16.03 11.32 17.96
C GLY A 351 16.56 11.25 16.56
N LEU A 352 16.08 12.10 15.66
CA LEU A 352 16.36 12.00 14.23
C LEU A 352 17.59 12.78 13.78
N ALA A 353 18.11 13.68 14.61
CA ALA A 353 19.15 14.62 14.20
C ALA A 353 20.34 13.97 13.51
N GLY A 354 21.19 13.30 14.28
CA GLY A 354 22.37 12.67 13.69
C GLY A 354 22.05 11.74 12.54
N ALA A 355 20.88 11.11 12.58
CA ALA A 355 20.51 10.17 11.51
C ALA A 355 20.24 10.92 10.20
N TRP A 356 19.45 11.99 10.25
CA TRP A 356 19.06 12.65 9.00
C TRP A 356 20.24 13.33 8.32
N GLU A 357 21.09 14.01 9.10
CA GLU A 357 22.27 14.64 8.50
C GLU A 357 23.05 13.62 7.67
N GLY A 358 23.36 12.47 8.26
CA GLY A 358 24.11 11.46 7.55
C GLY A 358 23.32 10.81 6.43
N LEU A 359 22.00 10.71 6.61
CA LEU A 359 21.18 10.05 5.59
C LEU A 359 21.00 10.94 4.37
N GLU A 360 20.84 12.25 4.57
CA GLU A 360 20.61 13.17 3.46
C GLU A 360 21.77 13.19 2.48
N ARG A 361 23.01 13.11 2.98
CA ARG A 361 24.15 13.14 2.08
C ARG A 361 24.28 11.87 1.24
N GLN A 362 23.54 10.81 1.59
CA GLN A 362 23.62 9.56 0.87
C GLN A 362 22.41 9.30 -0.01
N LEU A 363 21.52 10.29 -0.16
CA LEU A 363 20.32 10.06 -0.95
C LEU A 363 20.60 9.64 -2.40
N PRO A 364 21.59 10.19 -3.11
CA PRO A 364 21.85 9.71 -4.47
C PRO A 364 22.21 8.23 -4.54
N GLU A 365 23.06 7.76 -3.63
CA GLU A 365 23.36 6.32 -3.63
C GLU A 365 22.16 5.50 -3.19
N TRP A 366 21.42 5.97 -2.18
CA TRP A 366 20.22 5.27 -1.76
C TRP A 366 19.23 5.14 -2.91
N ARG A 367 19.11 6.20 -3.72
CA ARG A 367 18.20 6.16 -4.85
C ARG A 367 18.59 5.08 -5.85
N ARG A 368 19.90 4.93 -6.13
CA ARG A 368 20.34 3.86 -7.01
C ARG A 368 19.99 2.49 -6.43
N GLU A 369 20.18 2.30 -5.13
CA GLU A 369 19.84 1.04 -4.47
C GLU A 369 18.33 0.82 -4.43
N ALA A 370 17.54 1.88 -4.25
CA ALA A 370 16.09 1.74 -4.30
C ALA A 370 15.62 1.26 -5.66
N GLN A 371 16.28 1.74 -6.73
CA GLN A 371 15.94 1.27 -8.06
C GLN A 371 16.26 -0.21 -8.22
N ARG A 372 17.41 -0.63 -7.69
CA ARG A 372 17.78 -2.04 -7.78
C ARG A 372 16.82 -2.91 -6.98
N TRP A 373 16.44 -2.46 -5.78
CA TRP A 373 15.45 -3.18 -4.97
C TRP A 373 14.14 -3.36 -5.74
N ALA A 374 13.64 -2.29 -6.37
CA ALA A 374 12.40 -2.39 -7.13
C ALA A 374 12.55 -3.35 -8.31
N ASP A 375 13.68 -3.29 -9.01
CA ASP A 375 13.90 -4.18 -10.15
C ASP A 375 13.92 -5.64 -9.73
N GLU A 376 14.60 -5.94 -8.61
CA GLU A 376 14.70 -7.31 -8.15
C GLU A 376 13.36 -7.83 -7.67
N GLN A 377 12.66 -7.05 -6.84
CA GLN A 377 11.30 -7.43 -6.47
C GLN A 377 10.40 -7.56 -7.71
N GLY A 378 10.65 -6.74 -8.73
CA GLY A 378 9.85 -6.79 -9.95
C GLY A 378 9.99 -8.07 -10.75
N MET A 379 11.06 -8.83 -10.51
CA MET A 379 11.24 -10.11 -11.18
C MET A 379 10.42 -11.23 -10.56
N ARG A 380 9.89 -11.03 -9.36
CA ARG A 380 9.14 -12.08 -8.71
C ARG A 380 7.69 -12.06 -9.22
N PRO A 381 7.09 -13.22 -9.46
CA PRO A 381 5.66 -13.24 -9.81
C PRO A 381 4.83 -12.48 -8.77
N ASP A 382 3.91 -11.65 -9.26
CA ASP A 382 3.16 -10.74 -8.41
C ASP A 382 2.04 -11.49 -7.68
N LEU A 383 1.49 -10.85 -6.65
CA LEU A 383 0.58 -11.54 -5.74
C LEU A 383 -0.70 -11.98 -6.43
N ALA A 384 -1.30 -11.11 -7.25
CA ALA A 384 -2.55 -11.50 -7.93
C ALA A 384 -2.33 -12.73 -8.79
N ALA A 385 -1.21 -12.78 -9.50
CA ALA A 385 -0.88 -13.95 -10.30
C ALA A 385 -0.75 -15.19 -9.43
N ARG A 386 -0.18 -15.04 -8.24
CA ARG A 386 -0.03 -16.19 -7.35
C ARG A 386 -1.37 -16.65 -6.82
N LEU A 387 -2.27 -15.71 -6.57
CA LEU A 387 -3.60 -16.04 -6.08
C LEU A 387 -4.38 -16.80 -7.14
N VAL A 388 -4.33 -16.33 -8.37
CA VAL A 388 -5.05 -17.00 -9.45
C VAL A 388 -4.47 -18.39 -9.67
N GLN A 389 -3.14 -18.51 -9.59
CA GLN A 389 -2.48 -19.81 -9.72
C GLN A 389 -2.84 -20.73 -8.57
N PHE A 390 -2.95 -20.18 -7.36
CA PHE A 390 -3.36 -20.98 -6.20
C PHE A 390 -4.72 -21.64 -6.46
N TYR A 391 -5.69 -20.86 -6.95
CA TYR A 391 -6.99 -21.43 -7.27
C TYR A 391 -6.87 -22.52 -8.33
N ALA A 392 -6.06 -22.28 -9.37
CA ALA A 392 -5.94 -23.26 -10.44
C ALA A 392 -5.41 -24.59 -9.92
N ASP A 393 -4.34 -24.55 -9.13
CA ASP A 393 -3.79 -25.80 -8.62
C ASP A 393 -4.74 -26.47 -7.63
N TRP A 394 -5.44 -25.65 -6.84
CA TRP A 394 -6.36 -26.21 -5.85
C TRP A 394 -7.52 -26.91 -6.54
N LEU A 395 -8.01 -26.30 -7.61
CA LEU A 395 -9.12 -26.87 -8.38
C LEU A 395 -8.71 -28.19 -9.02
N LEU A 396 -7.54 -28.22 -9.66
CA LEU A 396 -7.07 -29.45 -10.26
C LEU A 396 -6.88 -30.53 -9.22
N GLU A 397 -6.29 -30.18 -8.07
CA GLU A 397 -6.10 -31.17 -7.01
C GLU A 397 -7.45 -31.65 -6.47
N HIS A 398 -8.43 -30.75 -6.35
CA HIS A 398 -9.75 -31.12 -5.83
C HIS A 398 -10.38 -32.22 -6.65
N HIS A 399 -10.10 -32.24 -7.95
CA HIS A 399 -10.60 -33.28 -8.85
C HIS A 399 -9.55 -34.31 -9.19
N HIS A 400 -8.45 -34.36 -8.44
CA HIS A 400 -7.45 -35.43 -8.53
C HIS A 400 -6.85 -35.51 -9.93
N HIS A 401 -6.65 -34.35 -10.53
CA HIS A 401 -6.14 -34.25 -11.89
C HIS A 401 -4.67 -33.84 -11.90
N HIS A 402 -3.98 -34.15 -12.99
CA HIS A 402 -2.59 -33.73 -13.09
C HIS A 402 -2.50 -32.21 -13.24
N HIS A 403 -1.29 -31.69 -13.07
CA HIS A 403 -1.07 -30.25 -13.15
C HIS A 403 -0.18 -29.88 -14.34
PA TYD B . -1.84 2.43 3.50
O1A TYD B . -0.71 3.00 2.70
O2A TYD B . -1.74 0.93 3.64
O3A TYD B . -1.83 3.08 5.02
PB TYD B . -3.13 3.30 6.02
O1B TYD B . -2.57 3.84 7.34
O2B TYD B . -4.11 4.30 5.47
O3B TYD B . -3.82 1.97 6.25
O5' TYD B . -3.23 2.86 2.78
C5' TYD B . -3.39 4.24 2.36
C4' TYD B . -4.15 4.20 1.04
O4' TYD B . -4.55 5.38 0.73
C3' TYD B . -3.15 3.68 -0.15
O3' TYD B . -3.90 2.69 -0.97
C2' TYD B . -2.84 4.72 -0.79
C1' TYD B . -4.13 5.60 -0.70
N1 TYD B . -3.95 6.95 -0.91
C2 TYD B . -4.67 7.53 -1.88
O2 TYD B . -5.45 6.87 -2.55
N3 TYD B . -4.53 8.89 -2.12
C4 TYD B . -3.68 9.62 -1.41
O4 TYD B . -3.56 10.80 -1.62
C5 TYD B . -2.94 9.03 -0.41
C5M TYD B . -1.95 9.91 0.42
C6 TYD B . -3.09 7.68 -0.16
O1 MES C . 17.58 18.66 -8.07
C2 MES C . 18.74 17.99 -7.57
C3 MES C . 18.57 16.48 -7.42
N4 MES C . 17.41 16.26 -6.55
C5 MES C . 16.50 17.38 -6.33
C6 MES C . 16.34 18.12 -7.65
C7 MES C . 17.50 15.31 -5.44
C8 MES C . 18.34 14.11 -5.86
S MES C . 18.48 13.09 -4.54
O1S MES C . 18.75 11.72 -5.04
O2S MES C . 19.64 13.56 -3.73
O3S MES C . 17.32 13.18 -3.63
#